data_4PME
#
_entry.id   4PME
#
_cell.length_a   42.990
_cell.length_b   84.670
_cell.length_c   64.060
_cell.angle_alpha   90.00
_cell.angle_beta   90.00
_cell.angle_gamma   90.00
#
_symmetry.space_group_name_H-M   'P 21 21 2'
#
loop_
_entity.id
_entity.type
_entity.pdbx_description
1 polymer Transthyretin
2 non-polymer (1Z,4Z,6E)-5-hydroxy-1,7-bis(4-hydroxy-3-methoxyphenyl)hepta-1,4,6-trien-3-one
3 non-polymer 'SODIUM ION'
4 non-polymer 1,2-ETHANEDIOL
5 non-polymer '3-(4-HYDROXY-3-METHOXYPHENYL)-2-PROPENOIC ACID'
6 water water
#
_entity_poly.entity_id   1
_entity_poly.type   'polypeptide(L)'
_entity_poly.pdbx_seq_one_letter_code
;KCPLMVKVLDAVRGSPAINVAVHVFRKAADDTWEPFASGKTSESGELHGLTTEEEFVEGIYKVEIDTKSYWKALGISPFH
EHAEVVFTANDSGPRRYTIAALLSPYSYSTTAVVTNPK
;
_entity_poly.pdbx_strand_id   A,B
#
loop_
_chem_comp.id
_chem_comp.type
_chem_comp.name
_chem_comp.formula
CUR non-polymer (1Z,4Z,6E)-5-hydroxy-1,7-bis(4-hydroxy-3-methoxyphenyl)hepta-1,4,6-trien-3-one 'C21 H20 O6'
EDO non-polymer 1,2-ETHANEDIOL 'C2 H6 O2'
FER non-polymer '3-(4-HYDROXY-3-METHOXYPHENYL)-2-PROPENOIC ACID' 'C10 H10 O4'
NA non-polymer 'SODIUM ION' 'Na 1'
#
# COMPACT_ATOMS: atom_id res chain seq x y z
N LYS A 1 5.85 13.68 17.52
CA LYS A 1 6.07 14.77 16.58
C LYS A 1 7.39 14.57 15.87
N CYS A 2 8.44 14.40 16.66
CA CYS A 2 9.78 14.34 16.12
C CYS A 2 9.95 13.11 15.21
N PRO A 3 9.81 11.90 15.76
CA PRO A 3 10.42 10.86 14.92
C PRO A 3 9.52 10.31 13.82
N LEU A 4 8.20 10.43 13.95
CA LEU A 4 7.32 9.88 12.94
C LEU A 4 6.18 10.86 12.68
N MET A 5 6.09 11.33 11.46
N MET A 5 6.08 11.35 11.46
CA MET A 5 5.05 12.26 11.06
CA MET A 5 5.00 12.26 11.09
C MET A 5 4.32 11.66 9.87
C MET A 5 4.35 11.82 9.79
N VAL A 6 3.03 11.97 9.72
CA VAL A 6 2.27 11.54 8.55
C VAL A 6 1.54 12.74 7.95
N LYS A 7 1.60 12.84 6.63
CA LYS A 7 0.94 13.94 5.93
C LYS A 7 0.10 13.35 4.80
N VAL A 8 -1.13 13.81 4.66
CA VAL A 8 -2.04 13.23 3.67
C VAL A 8 -2.69 14.36 2.86
N LEU A 9 -2.62 14.22 1.53
CA LEU A 9 -3.18 15.21 0.62
C LEU A 9 -4.21 14.57 -0.29
N ASP A 10 -5.16 15.39 -0.71
CA ASP A 10 -6.28 15.02 -1.57
C ASP A 10 -6.03 15.56 -2.98
N ALA A 11 -5.82 14.66 -3.95
CA ALA A 11 -5.48 15.02 -5.31
C ALA A 11 -6.71 15.40 -6.14
N VAL A 12 -7.91 15.16 -5.63
CA VAL A 12 -9.15 15.56 -6.32
C VAL A 12 -9.48 17.00 -6.00
N ARG A 13 -9.33 17.40 -4.75
CA ARG A 13 -9.71 18.73 -4.29
C ARG A 13 -8.55 19.70 -4.19
N GLY A 14 -7.30 19.23 -4.27
CA GLY A 14 -6.15 20.09 -4.10
C GLY A 14 -6.07 20.66 -2.70
N SER A 15 -6.20 19.78 -1.72
CA SER A 15 -6.30 20.21 -0.33
C SER A 15 -5.62 19.20 0.58
N PRO A 16 -5.32 19.60 1.81
CA PRO A 16 -5.01 18.56 2.78
C PRO A 16 -6.20 17.61 2.92
N ALA A 17 -5.91 16.35 3.23
CA ALA A 17 -6.95 15.39 3.57
C ALA A 17 -7.10 15.45 5.10
N ILE A 18 -8.21 16.01 5.54
N ILE A 18 -8.18 16.06 5.54
CA ILE A 18 -8.44 16.38 6.93
CA ILE A 18 -8.39 16.28 6.97
C ILE A 18 -9.21 15.30 7.69
C ILE A 18 -9.26 15.17 7.55
N ASN A 19 -8.80 15.05 8.94
N ASN A 19 -9.15 14.99 8.87
CA ASN A 19 -9.51 14.13 9.84
CA ASN A 19 -9.90 13.98 9.60
C ASN A 19 -9.51 12.68 9.35
C ASN A 19 -9.66 12.58 9.08
N VAL A 20 -8.44 12.31 8.64
CA VAL A 20 -8.17 10.97 8.17
C VAL A 20 -7.57 10.14 9.30
N ALA A 21 -8.15 8.97 9.58
CA ALA A 21 -7.61 8.08 10.62
C ALA A 21 -6.32 7.42 10.15
N VAL A 22 -5.34 7.34 11.04
CA VAL A 22 -4.07 6.70 10.76
C VAL A 22 -3.74 5.75 11.91
N HIS A 23 -3.44 4.51 11.58
CA HIS A 23 -3.09 3.49 12.56
C HIS A 23 -1.69 2.97 12.31
N VAL A 24 -0.86 2.95 13.35
CA VAL A 24 0.52 2.49 13.23
C VAL A 24 0.70 1.21 14.02
N PHE A 25 1.38 0.24 13.41
CA PHE A 25 1.63 -1.06 14.03
C PHE A 25 3.11 -1.36 13.97
N ARG A 26 3.58 -2.23 14.86
CA ARG A 26 4.98 -2.64 14.89
C ARG A 26 5.01 -4.14 14.96
N LYS A 27 5.88 -4.77 14.17
N LYS A 27 5.86 -4.76 14.15
CA LYS A 27 5.91 -6.23 14.12
CA LYS A 27 5.96 -6.21 14.15
C LYS A 27 6.59 -6.80 15.36
C LYS A 27 6.53 -6.68 15.48
N ALA A 28 5.86 -7.64 16.10
CA ALA A 28 6.36 -8.25 17.32
C ALA A 28 7.27 -9.43 17.04
N ALA A 29 7.88 -9.96 18.10
CA ALA A 29 8.79 -11.08 18.00
C ALA A 29 8.13 -12.30 17.35
N ASP A 30 6.82 -12.45 17.57
CA ASP A 30 6.08 -13.58 17.01
C ASP A 30 5.52 -13.28 15.61
N ASP A 31 6.07 -12.25 14.97
N ASP A 31 6.09 -12.27 14.96
CA ASP A 31 5.74 -11.86 13.60
CA ASP A 31 5.72 -11.87 13.60
C ASP A 31 4.30 -11.36 13.43
C ASP A 31 4.25 -11.48 13.46
N THR A 32 3.64 -11.00 14.53
CA THR A 32 2.31 -10.42 14.45
C THR A 32 2.40 -8.89 14.51
N TRP A 33 1.38 -8.20 13.98
CA TRP A 33 1.30 -6.76 14.06
C TRP A 33 0.73 -6.31 15.39
N GLU A 34 1.53 -5.62 16.20
N GLU A 34 1.53 -5.63 16.19
CA GLU A 34 1.04 -5.07 17.45
CA GLU A 34 1.04 -5.07 17.44
C GLU A 34 0.70 -3.60 17.29
C GLU A 34 0.68 -3.61 17.25
N PRO A 35 -0.43 -3.17 17.86
CA PRO A 35 -0.79 -1.75 17.80
C PRO A 35 0.30 -0.89 18.44
N PHE A 36 0.70 0.17 17.76
CA PHE A 36 1.78 1.02 18.22
C PHE A 36 1.32 2.45 18.54
N ALA A 37 0.56 3.05 17.64
CA ALA A 37 0.03 4.39 17.86
C ALA A 37 -1.07 4.66 16.84
N SER A 38 -1.92 5.65 17.10
CA SER A 38 -2.89 6.07 16.08
C SER A 38 -3.28 7.52 16.31
N GLY A 39 -3.94 8.11 15.33
CA GLY A 39 -4.37 9.49 15.40
C GLY A 39 -5.15 9.86 14.16
N LYS A 40 -5.44 11.15 14.04
CA LYS A 40 -6.23 11.70 12.94
C LYS A 40 -5.47 12.86 12.35
N THR A 41 -5.51 13.02 11.04
CA THR A 41 -4.87 14.21 10.44
C THR A 41 -5.63 15.48 10.81
N SER A 42 -4.87 16.55 10.97
CA SER A 42 -5.39 17.86 11.33
C SER A 42 -5.94 18.59 10.11
N GLU A 43 -6.32 19.85 10.31
N GLU A 43 -6.32 19.85 10.32
CA GLU A 43 -6.82 20.66 9.21
CA GLU A 43 -6.81 20.69 9.24
C GLU A 43 -5.73 20.96 8.19
C GLU A 43 -5.72 20.94 8.19
N SER A 44 -4.46 20.71 8.55
CA SER A 44 -3.36 20.88 7.60
C SER A 44 -2.97 19.55 6.93
N GLY A 45 -3.72 18.49 7.24
CA GLY A 45 -3.43 17.17 6.68
C GLY A 45 -2.29 16.46 7.38
N GLU A 46 -1.85 17.00 8.52
CA GLU A 46 -0.70 16.47 9.23
C GLU A 46 -1.10 15.75 10.50
N LEU A 47 -0.30 14.75 10.86
CA LEU A 47 -0.48 14.04 12.10
C LEU A 47 0.87 13.98 12.77
N HIS A 48 0.97 14.75 13.87
CA HIS A 48 2.14 14.73 14.75
C HIS A 48 1.81 14.09 16.07
N GLY A 49 2.86 13.84 16.84
CA GLY A 49 2.68 13.36 18.19
C GLY A 49 2.40 11.89 18.31
N LEU A 50 2.58 11.12 17.24
CA LEU A 50 2.30 9.70 17.28
C LEU A 50 3.20 8.99 18.28
N THR A 51 4.47 9.36 18.37
CA THR A 51 5.39 8.61 19.20
C THR A 51 6.51 9.51 19.71
N THR A 52 7.48 8.90 20.39
CA THR A 52 8.58 9.65 20.96
C THR A 52 9.88 8.97 20.60
N GLU A 53 10.99 9.67 20.79
CA GLU A 53 12.30 9.08 20.56
C GLU A 53 12.54 7.83 21.41
N GLU A 54 12.02 7.80 22.62
N GLU A 54 12.04 7.84 22.64
CA GLU A 54 12.23 6.63 23.47
CA GLU A 54 12.27 6.72 23.55
C GLU A 54 11.44 5.42 22.96
C GLU A 54 11.49 5.49 23.14
N GLU A 55 10.18 5.65 22.58
N GLU A 55 10.31 5.71 22.56
CA GLU A 55 9.27 4.57 22.19
CA GLU A 55 9.39 4.64 22.21
C GLU A 55 9.55 4.02 20.79
C GLU A 55 9.70 4.02 20.85
N PHE A 56 10.07 4.88 19.92
CA PHE A 56 10.24 4.52 18.50
C PHE A 56 11.57 3.83 18.24
N VAL A 57 11.63 2.58 18.67
CA VAL A 57 12.85 1.79 18.55
C VAL A 57 12.98 1.18 17.16
N GLU A 58 14.07 0.46 16.91
CA GLU A 58 14.19 -0.36 15.72
C GLU A 58 13.00 -1.26 15.58
N GLY A 59 12.55 -1.47 14.35
CA GLY A 59 11.50 -2.43 14.11
C GLY A 59 10.99 -2.32 12.70
N ILE A 60 10.05 -3.18 12.39
CA ILE A 60 9.28 -3.09 11.15
C ILE A 60 7.93 -2.49 11.51
N TYR A 61 7.59 -1.36 10.89
CA TYR A 61 6.39 -0.62 11.20
C TYR A 61 5.46 -0.61 10.00
N LYS A 62 4.17 -0.58 10.29
N LYS A 62 4.17 -0.56 10.27
CA LYS A 62 3.15 -0.39 9.29
CA LYS A 62 3.14 -0.42 9.24
C LYS A 62 2.37 0.87 9.64
C LYS A 62 2.21 0.75 9.55
N VAL A 63 2.19 1.74 8.65
CA VAL A 63 1.32 2.90 8.78
C VAL A 63 0.14 2.67 7.87
N GLU A 64 -1.05 2.47 8.44
N GLU A 64 -1.06 2.59 8.43
CA GLU A 64 -2.26 2.30 7.67
CA GLU A 64 -2.27 2.28 7.67
C GLU A 64 -3.07 3.58 7.72
C GLU A 64 -3.24 3.46 7.71
N ILE A 65 -3.46 4.06 6.55
CA ILE A 65 -4.24 5.28 6.42
C ILE A 65 -5.64 4.91 5.96
N ASP A 66 -6.67 5.32 6.70
CA ASP A 66 -8.04 4.93 6.37
C ASP A 66 -8.60 5.82 5.27
N THR A 67 -8.15 5.54 4.07
CA THR A 67 -8.58 6.29 2.90
C THR A 67 -10.03 5.98 2.52
N LYS A 68 -10.49 4.75 2.78
N LYS A 68 -10.49 4.76 2.79
CA LYS A 68 -11.84 4.39 2.37
CA LYS A 68 -11.84 4.37 2.41
C LYS A 68 -12.89 5.24 3.07
C LYS A 68 -12.90 5.24 3.08
N SER A 69 -12.75 5.44 4.38
CA SER A 69 -13.71 6.26 5.14
C SER A 69 -13.66 7.70 4.66
N TYR A 70 -12.47 8.16 4.29
CA TYR A 70 -12.29 9.53 3.83
C TYR A 70 -13.10 9.74 2.56
N TRP A 71 -12.93 8.87 1.58
CA TRP A 71 -13.63 9.04 0.30
C TRP A 71 -15.12 8.85 0.45
N LYS A 72 -15.53 7.86 1.23
N LYS A 72 -15.53 7.87 1.26
CA LYS A 72 -16.94 7.59 1.43
CA LYS A 72 -16.96 7.58 1.42
C LYS A 72 -17.66 8.82 1.98
C LYS A 72 -17.70 8.75 2.07
N ALA A 73 -17.01 9.51 2.91
CA ALA A 73 -17.60 10.72 3.52
C ALA A 73 -17.81 11.84 2.50
N LEU A 74 -17.03 11.81 1.42
CA LEU A 74 -17.15 12.80 0.36
C LEU A 74 -18.06 12.34 -0.79
N GLY A 75 -18.69 11.17 -0.62
CA GLY A 75 -19.64 10.66 -1.60
C GLY A 75 -19.00 9.87 -2.72
N ILE A 76 -17.75 9.45 -2.50
CA ILE A 76 -17.02 8.67 -3.48
C ILE A 76 -16.81 7.25 -2.98
N SER A 77 -17.11 6.29 -3.83
CA SER A 77 -16.83 4.90 -3.56
C SER A 77 -15.44 4.57 -4.13
N PRO A 78 -14.42 4.49 -3.25
CA PRO A 78 -13.07 4.34 -3.74
C PRO A 78 -12.66 2.89 -3.92
N PHE A 79 -11.50 2.68 -4.51
N PHE A 79 -11.52 2.69 -4.56
CA PHE A 79 -11.03 1.34 -4.84
CA PHE A 79 -10.99 1.36 -4.82
C PHE A 79 -10.32 0.61 -3.70
C PHE A 79 -10.46 0.71 -3.55
N HIS A 80 -9.50 1.33 -2.94
N HIS A 80 -9.47 1.36 -2.93
CA HIS A 80 -8.65 0.69 -1.94
CA HIS A 80 -8.71 0.74 -1.85
C HIS A 80 -9.31 0.69 -0.55
C HIS A 80 -9.45 0.65 -0.53
N GLU A 81 -9.08 -0.34 0.26
CA GLU A 81 -9.55 -0.39 1.63
C GLU A 81 -8.82 0.62 2.50
N HIS A 82 -7.56 0.87 2.16
N HIS A 82 -7.53 0.80 2.23
CA HIS A 82 -6.72 1.79 2.91
CA HIS A 82 -6.68 1.73 2.97
C HIS A 82 -5.47 1.99 2.07
C HIS A 82 -5.35 1.83 2.25
N ALA A 83 -4.61 2.88 2.51
CA ALA A 83 -3.28 3.05 1.94
C ALA A 83 -2.34 2.71 3.07
N GLU A 84 -1.46 1.74 2.88
N GLU A 84 -1.47 1.72 2.87
CA GLU A 84 -0.51 1.45 3.94
CA GLU A 84 -0.54 1.34 3.91
C GLU A 84 0.90 1.38 3.43
C GLU A 84 0.90 1.47 3.45
N VAL A 85 1.84 1.80 4.29
N VAL A 85 1.81 1.45 4.42
CA VAL A 85 3.24 1.57 4.03
CA VAL A 85 3.22 1.74 4.21
C VAL A 85 3.84 0.71 5.12
C VAL A 85 4.03 0.91 5.20
N VAL A 86 4.79 -0.09 4.73
CA VAL A 86 5.49 -0.98 5.65
C VAL A 86 6.98 -0.76 5.45
N PHE A 87 7.72 -0.55 6.54
CA PHE A 87 9.13 -0.19 6.43
C PHE A 87 9.90 -0.57 7.69
N THR A 88 11.18 -0.86 7.52
CA THR A 88 12.10 -0.99 8.65
C THR A 88 12.57 0.38 9.10
N ALA A 89 12.46 0.67 10.39
CA ALA A 89 12.89 1.96 10.94
C ALA A 89 14.11 1.80 11.85
N ASN A 90 14.99 2.80 11.80
CA ASN A 90 16.13 2.99 12.72
C ASN A 90 17.20 1.89 12.68
N ASP A 91 17.33 1.23 11.54
N ASP A 91 17.36 1.23 11.54
CA ASP A 91 18.31 0.15 11.36
CA ASP A 91 18.31 0.13 11.44
C ASP A 91 19.73 0.64 11.61
C ASP A 91 19.77 0.58 11.41
N SER A 92 20.00 1.88 11.24
CA SER A 92 21.34 2.45 11.36
C SER A 92 21.34 3.59 12.37
N GLY A 93 20.49 3.46 13.39
CA GLY A 93 20.34 4.49 14.39
C GLY A 93 19.09 5.30 14.15
N PRO A 94 18.72 6.15 15.12
CA PRO A 94 17.48 6.93 15.05
C PRO A 94 17.44 7.83 13.82
N ARG A 95 16.28 7.86 13.17
CA ARG A 95 16.03 8.81 12.10
C ARG A 95 14.67 9.42 12.31
N ARG A 96 14.43 10.54 11.64
N ARG A 96 14.40 10.51 11.60
CA ARG A 96 13.10 11.11 11.57
CA ARG A 96 13.09 11.15 11.61
C ARG A 96 12.46 10.67 10.27
C ARG A 96 12.38 10.89 10.28
N TYR A 97 11.19 10.30 10.37
CA TYR A 97 10.43 9.81 9.21
C TYR A 97 9.20 10.64 8.97
N THR A 98 9.05 11.15 7.74
CA THR A 98 7.80 11.73 7.30
C THR A 98 7.23 10.82 6.21
N ILE A 99 6.03 10.32 6.45
CA ILE A 99 5.31 9.51 5.47
C ILE A 99 4.27 10.39 4.85
N ALA A 100 4.39 10.64 3.54
CA ALA A 100 3.43 11.46 2.83
C ALA A 100 2.59 10.58 1.93
N ALA A 101 1.30 10.82 1.89
CA ALA A 101 0.41 10.10 0.99
C ALA A 101 -0.42 11.07 0.19
N LEU A 102 -0.56 10.79 -1.09
CA LEU A 102 -1.38 11.60 -1.99
C LEU A 102 -2.49 10.71 -2.52
N LEU A 103 -3.74 11.12 -2.29
CA LEU A 103 -4.88 10.26 -2.49
C LEU A 103 -5.78 10.64 -3.67
N SER A 104 -6.18 9.63 -4.42
CA SER A 104 -7.24 9.73 -5.41
C SER A 104 -8.16 8.54 -5.21
N PRO A 105 -9.37 8.57 -5.76
CA PRO A 105 -10.27 7.46 -5.50
C PRO A 105 -9.77 6.10 -5.96
N TYR A 106 -9.04 6.03 -7.07
CA TYR A 106 -8.53 4.73 -7.57
C TYR A 106 -7.02 4.63 -7.59
N SER A 107 -6.36 5.51 -6.84
CA SER A 107 -4.91 5.58 -6.88
C SER A 107 -4.38 6.23 -5.61
N TYR A 108 -3.21 5.81 -5.15
CA TYR A 108 -2.48 6.61 -4.18
C TYR A 108 -1.00 6.50 -4.40
N SER A 109 -0.29 7.53 -3.99
N SER A 109 -0.29 7.47 -3.84
N SER A 109 -0.29 7.53 -3.94
CA SER A 109 1.14 7.44 -3.99
CA SER A 109 1.16 7.43 -3.76
CA SER A 109 1.15 7.60 -4.01
C SER A 109 1.59 7.67 -2.57
C SER A 109 1.59 7.60 -2.31
C SER A 109 1.74 8.01 -2.66
N THR A 110 2.81 7.29 -2.30
N THR A 110 2.66 6.91 -1.92
CA THR A 110 3.34 7.51 -0.98
CA THR A 110 3.29 7.22 -0.63
C THR A 110 4.83 7.67 -1.10
C THR A 110 4.80 7.36 -0.78
N THR A 111 5.37 8.35 -0.10
N THR A 111 5.35 8.50 -0.37
CA THR A 111 6.71 8.89 -0.19
CA THR A 111 6.80 8.67 -0.29
C THR A 111 7.28 9.10 1.19
C THR A 111 7.22 8.83 1.17
N ALA A 112 8.49 8.62 1.40
CA ALA A 112 9.09 8.84 2.70
C ALA A 112 10.22 9.84 2.59
N VAL A 113 10.25 10.74 3.56
CA VAL A 113 11.38 11.65 3.74
C VAL A 113 12.02 11.25 5.05
N VAL A 114 13.27 10.84 4.97
CA VAL A 114 14.01 10.32 6.13
C VAL A 114 15.21 11.22 6.39
N THR A 115 15.29 11.78 7.59
CA THR A 115 16.38 12.69 7.92
C THR A 115 17.10 12.23 9.18
N ASN A 116 18.36 12.65 9.30
CA ASN A 116 19.19 12.26 10.44
C ASN A 116 19.26 13.39 11.45
N PRO A 117 18.69 13.18 12.66
CA PRO A 117 18.59 14.21 13.68
C PRO A 117 19.96 14.62 14.22
N LYS B 1 -5.56 -14.92 -16.57
CA LYS B 1 -5.00 -13.85 -17.38
C LYS B 1 -6.00 -12.72 -17.46
N CYS B 2 -7.28 -13.08 -17.46
CA CYS B 2 -8.35 -12.14 -17.68
C CYS B 2 -8.70 -11.26 -16.47
N PRO B 3 -9.08 -11.88 -15.33
CA PRO B 3 -9.75 -10.97 -14.39
C PRO B 3 -8.82 -10.13 -13.51
N LEU B 4 -7.58 -10.55 -13.33
CA LEU B 4 -6.65 -9.84 -12.45
C LEU B 4 -5.26 -9.83 -13.07
N MET B 5 -4.76 -8.63 -13.37
N MET B 5 -4.77 -8.63 -13.35
CA MET B 5 -3.42 -8.47 -13.91
CA MET B 5 -3.45 -8.43 -13.94
C MET B 5 -2.66 -7.46 -13.07
C MET B 5 -2.67 -7.47 -13.05
N VAL B 6 -1.35 -7.66 -12.97
CA VAL B 6 -0.51 -6.73 -12.24
C VAL B 6 0.58 -6.23 -13.18
N LYS B 7 0.86 -4.92 -13.15
N LYS B 7 0.82 -4.92 -13.13
CA LYS B 7 1.92 -4.37 -13.98
CA LYS B 7 1.85 -4.28 -13.93
C LYS B 7 2.78 -3.42 -13.17
C LYS B 7 2.80 -3.55 -12.99
N VAL B 8 4.09 -3.63 -13.24
CA VAL B 8 5.04 -2.93 -12.40
C VAL B 8 6.09 -2.23 -13.25
N LEU B 9 6.27 -0.93 -12.99
CA LEU B 9 7.25 -0.09 -13.68
C LEU B 9 8.30 0.45 -12.73
N ASP B 10 9.48 0.70 -13.26
CA ASP B 10 10.65 1.20 -12.53
C ASP B 10 10.88 2.65 -12.93
N ALA B 11 10.68 3.56 -11.99
CA ALA B 11 10.80 5.01 -12.22
C ALA B 11 12.23 5.50 -12.23
N VAL B 12 13.17 4.68 -11.78
CA VAL B 12 14.59 5.04 -11.75
C VAL B 12 15.23 4.74 -13.10
N ARG B 13 14.94 3.58 -13.66
N ARG B 13 14.95 3.56 -13.64
CA ARG B 13 15.56 3.17 -14.91
CA ARG B 13 15.53 3.10 -14.88
C ARG B 13 14.65 3.32 -16.12
C ARG B 13 14.70 3.49 -16.11
N GLY B 14 13.41 3.76 -15.91
CA GLY B 14 12.51 4.00 -17.03
C GLY B 14 12.23 2.73 -17.81
N SER B 15 11.83 1.70 -17.09
CA SER B 15 11.71 0.37 -17.69
C SER B 15 10.64 -0.40 -16.97
N PRO B 16 10.18 -1.51 -17.56
CA PRO B 16 9.38 -2.45 -16.78
C PRO B 16 10.21 -2.96 -15.61
N ALA B 17 9.57 -3.27 -14.50
CA ALA B 17 10.23 -3.91 -13.38
C ALA B 17 10.08 -5.41 -13.57
N ILE B 18 11.17 -6.05 -13.94
CA ILE B 18 11.18 -7.44 -14.38
C ILE B 18 11.57 -8.36 -13.22
N ASN B 19 10.95 -9.54 -13.19
N ASN B 19 10.98 -9.56 -13.19
CA ASN B 19 11.28 -10.58 -12.20
CA ASN B 19 11.30 -10.56 -12.17
C ASN B 19 10.93 -10.15 -10.77
C ASN B 19 10.99 -10.07 -10.76
N VAL B 20 9.89 -9.33 -10.64
CA VAL B 20 9.42 -8.90 -9.34
C VAL B 20 8.41 -9.91 -8.81
N ALA B 21 8.61 -10.38 -7.58
CA ALA B 21 7.68 -11.33 -6.99
C ALA B 21 6.41 -10.64 -6.53
N VAL B 22 5.29 -11.29 -6.82
CA VAL B 22 3.97 -10.78 -6.47
C VAL B 22 3.16 -11.88 -5.81
N HIS B 23 2.61 -11.61 -4.65
CA HIS B 23 1.72 -12.56 -3.99
C HIS B 23 0.36 -11.94 -3.78
N VAL B 24 -0.67 -12.71 -4.03
CA VAL B 24 -2.04 -12.24 -3.88
C VAL B 24 -2.69 -13.06 -2.78
N PHE B 25 -3.39 -12.38 -1.87
CA PHE B 25 -4.07 -13.03 -0.77
C PHE B 25 -5.52 -12.63 -0.77
N ARG B 26 -6.37 -13.46 -0.17
N ARG B 26 -6.36 -13.45 -0.14
CA ARG B 26 -7.76 -13.12 0.03
CA ARG B 26 -7.76 -13.10 0.03
C ARG B 26 -8.05 -13.15 1.53
C ARG B 26 -8.10 -13.17 1.51
N LYS B 27 -8.83 -12.18 2.01
CA LYS B 27 -9.15 -12.14 3.43
C LYS B 27 -10.14 -13.23 3.81
N ALA B 28 -9.77 -14.02 4.82
CA ALA B 28 -10.61 -15.14 5.27
C ALA B 28 -11.63 -14.67 6.29
N ALA B 29 -12.63 -15.50 6.57
CA ALA B 29 -13.70 -15.14 7.50
C ALA B 29 -13.20 -14.76 8.87
N ASP B 30 -12.02 -15.27 9.24
CA ASP B 30 -11.41 -14.95 10.53
C ASP B 30 -10.39 -13.81 10.41
N ASP B 31 -10.51 -13.03 9.34
CA ASP B 31 -9.68 -11.84 9.09
C ASP B 31 -8.18 -12.13 8.92
N THR B 32 -7.84 -13.37 8.59
CA THR B 32 -6.47 -13.71 8.24
C THR B 32 -6.31 -13.67 6.73
N TRP B 33 -5.08 -13.54 6.25
CA TRP B 33 -4.82 -13.49 4.82
C TRP B 33 -4.50 -14.87 4.26
N GLU B 34 -5.40 -15.39 3.42
N GLU B 34 -5.40 -15.39 3.42
CA GLU B 34 -5.24 -16.69 2.80
CA GLU B 34 -5.21 -16.70 2.81
C GLU B 34 -4.55 -16.57 1.43
C GLU B 34 -4.54 -16.57 1.44
N PRO B 35 -3.50 -17.37 1.20
CA PRO B 35 -2.85 -17.38 -0.11
C PRO B 35 -3.83 -17.64 -1.24
N PHE B 36 -3.73 -16.86 -2.31
CA PHE B 36 -4.67 -16.95 -3.42
C PHE B 36 -4.00 -17.19 -4.77
N ALA B 37 -2.92 -16.47 -5.03
CA ALA B 37 -2.20 -16.60 -6.30
C ALA B 37 -0.84 -15.94 -6.16
N SER B 38 0.09 -16.26 -7.05
CA SER B 38 1.35 -15.51 -7.07
C SER B 38 2.06 -15.72 -8.39
N GLY B 39 3.15 -14.98 -8.58
CA GLY B 39 3.93 -15.09 -9.81
C GLY B 39 5.05 -14.07 -9.78
N LYS B 40 5.76 -13.97 -10.89
N LYS B 40 5.78 -13.99 -10.88
CA LYS B 40 6.80 -12.95 -11.03
CA LYS B 40 6.81 -12.98 -11.08
C LYS B 40 6.60 -12.21 -12.33
C LYS B 40 6.51 -12.19 -12.34
N THR B 41 6.81 -10.90 -12.32
CA THR B 41 6.58 -10.11 -13.52
C THR B 41 7.49 -10.55 -14.66
N SER B 42 6.94 -10.47 -15.86
CA SER B 42 7.64 -10.80 -17.10
C SER B 42 8.63 -9.73 -17.51
N GLU B 43 9.24 -9.93 -18.68
CA GLU B 43 10.12 -8.93 -19.25
C GLU B 43 9.40 -7.63 -19.59
N SER B 44 8.07 -7.67 -19.68
CA SER B 44 7.30 -6.47 -19.92
C SER B 44 6.78 -5.86 -18.61
N GLY B 45 7.18 -6.42 -17.47
CA GLY B 45 6.72 -5.93 -16.18
C GLY B 45 5.32 -6.38 -15.84
N GLU B 46 4.80 -7.36 -16.57
CA GLU B 46 3.42 -7.79 -16.39
C GLU B 46 3.31 -9.16 -15.79
N LEU B 47 2.22 -9.36 -15.06
CA LEU B 47 1.93 -10.65 -14.50
C LEU B 47 0.48 -10.96 -14.78
N HIS B 48 0.29 -11.93 -15.67
N HIS B 48 0.24 -11.96 -15.61
CA HIS B 48 -1.02 -12.44 -16.11
CA HIS B 48 -1.13 -12.39 -15.86
C HIS B 48 -1.24 -13.84 -15.53
C HIS B 48 -1.22 -13.90 -15.84
N GLY B 49 -2.45 -14.37 -15.72
CA GLY B 49 -2.70 -15.77 -15.43
C GLY B 49 -2.81 -16.05 -13.94
N LEU B 50 -3.03 -15.02 -13.13
CA LEU B 50 -3.11 -15.21 -11.69
C LEU B 50 -4.33 -16.01 -11.28
N THR B 51 -5.47 -15.73 -11.91
CA THR B 51 -6.70 -16.39 -11.50
C THR B 51 -7.65 -16.51 -12.68
N THR B 52 -8.81 -17.10 -12.42
CA THR B 52 -9.84 -17.25 -13.45
C THR B 52 -11.10 -16.56 -12.95
N GLU B 53 -12.04 -16.33 -13.86
CA GLU B 53 -13.29 -15.67 -13.49
C GLU B 53 -14.01 -16.44 -12.39
N GLU B 54 -14.05 -17.76 -12.51
N GLU B 54 -14.06 -17.76 -12.54
CA GLU B 54 -14.75 -18.61 -11.55
CA GLU B 54 -14.77 -18.63 -11.61
C GLU B 54 -14.15 -18.49 -10.15
C GLU B 54 -14.17 -18.61 -10.20
N GLU B 55 -12.83 -18.44 -10.08
N GLU B 55 -12.85 -18.40 -10.11
CA GLU B 55 -12.14 -18.40 -8.79
CA GLU B 55 -12.16 -18.39 -8.82
C GLU B 55 -12.14 -17.03 -8.14
C GLU B 55 -12.20 -17.02 -8.14
N PHE B 56 -12.24 -15.98 -8.96
CA PHE B 56 -12.11 -14.60 -8.47
C PHE B 56 -13.46 -14.02 -8.04
N VAL B 57 -13.90 -14.39 -6.85
CA VAL B 57 -15.19 -13.93 -6.36
C VAL B 57 -15.05 -12.66 -5.55
N GLU B 58 -16.19 -12.12 -5.12
N GLU B 58 -16.17 -12.03 -5.20
CA GLU B 58 -16.22 -10.99 -4.20
CA GLU B 58 -16.13 -10.82 -4.40
C GLU B 58 -15.35 -11.25 -3.01
C GLU B 58 -15.47 -11.14 -3.06
N GLY B 59 -14.64 -10.21 -2.57
CA GLY B 59 -13.88 -10.39 -1.35
C GLY B 59 -12.88 -9.26 -1.24
N ILE B 60 -12.12 -9.29 -0.15
CA ILE B 60 -11.04 -8.33 0.03
C ILE B 60 -9.74 -9.03 -0.33
N TYR B 61 -8.99 -8.42 -1.24
CA TYR B 61 -7.76 -8.98 -1.76
C TYR B 61 -6.58 -8.09 -1.43
N LYS B 62 -5.43 -8.71 -1.25
CA LYS B 62 -4.18 -7.99 -1.04
C LYS B 62 -3.20 -8.44 -2.09
N VAL B 63 -2.66 -7.49 -2.84
CA VAL B 63 -1.59 -7.77 -3.78
C VAL B 63 -0.32 -7.22 -3.14
N GLU B 64 0.61 -8.12 -2.81
N GLU B 64 0.63 -8.11 -2.85
CA GLU B 64 1.89 -7.73 -2.23
CA GLU B 64 1.88 -7.71 -2.21
C GLU B 64 2.97 -7.84 -3.29
C GLU B 64 3.05 -7.87 -3.17
N ILE B 65 3.69 -6.75 -3.48
CA ILE B 65 4.75 -6.71 -4.46
C ILE B 65 6.09 -6.62 -3.72
N ASP B 66 7.00 -7.57 -3.95
CA ASP B 66 8.27 -7.56 -3.21
C ASP B 66 9.28 -6.58 -3.84
N THR B 67 9.03 -5.32 -3.54
CA THR B 67 9.86 -4.23 -4.03
C THR B 67 11.23 -4.22 -3.39
N LYS B 68 11.31 -4.64 -2.13
CA LYS B 68 12.60 -4.61 -1.43
C LYS B 68 13.62 -5.48 -2.14
N SER B 69 13.22 -6.70 -2.52
CA SER B 69 14.14 -7.60 -3.20
C SER B 69 14.56 -7.05 -4.55
N TYR B 70 13.62 -6.40 -5.22
CA TYR B 70 13.89 -5.79 -6.52
C TYR B 70 14.99 -4.73 -6.42
N TRP B 71 14.84 -3.78 -5.48
CA TRP B 71 15.84 -2.73 -5.31
C TRP B 71 17.17 -3.28 -4.80
N LYS B 72 17.12 -4.29 -3.94
CA LYS B 72 18.35 -4.88 -3.43
C LYS B 72 19.13 -5.51 -4.57
N ALA B 73 18.44 -6.12 -5.51
CA ALA B 73 19.10 -6.71 -6.67
C ALA B 73 19.82 -5.63 -7.49
N LEU B 74 19.28 -4.42 -7.50
CA LEU B 74 19.88 -3.30 -8.23
C LEU B 74 20.92 -2.55 -7.41
N GLY B 75 21.14 -2.97 -6.17
CA GLY B 75 22.13 -2.30 -5.33
C GLY B 75 21.68 -0.96 -4.80
N ILE B 76 20.36 -0.77 -4.75
CA ILE B 76 19.80 0.50 -4.32
C ILE B 76 19.03 0.31 -3.02
N SER B 77 19.35 1.11 -2.02
CA SER B 77 18.73 0.96 -0.71
C SER B 77 17.28 1.44 -0.75
N PRO B 78 16.32 0.58 -0.39
CA PRO B 78 14.95 1.04 -0.46
C PRO B 78 14.33 1.31 0.89
N PHE B 79 13.21 2.02 0.88
CA PHE B 79 12.51 2.34 2.10
C PHE B 79 11.53 1.24 2.53
N HIS B 80 10.72 0.77 1.59
N HIS B 80 10.75 0.74 1.58
CA HIS B 80 9.60 -0.10 1.94
CA HIS B 80 9.66 -0.16 1.91
C HIS B 80 9.99 -1.58 1.98
C HIS B 80 10.09 -1.61 2.05
N GLU B 81 9.37 -2.34 2.87
CA GLU B 81 9.53 -3.80 2.89
C GLU B 81 8.92 -4.40 1.63
N HIS B 82 7.84 -3.79 1.17
CA HIS B 82 7.10 -4.24 -0.01
C HIS B 82 6.10 -3.17 -0.33
N ALA B 83 5.38 -3.34 -1.44
N ALA B 83 5.45 -3.30 -1.49
CA ALA B 83 4.27 -2.47 -1.76
CA ALA B 83 4.44 -2.34 -1.94
C ALA B 83 3.04 -3.35 -1.75
C ALA B 83 3.14 -3.06 -2.19
N GLU B 84 2.08 -3.07 -0.89
N GLU B 84 2.21 -2.90 -1.27
CA GLU B 84 0.86 -3.83 -0.96
CA GLU B 84 0.99 -3.67 -1.34
C GLU B 84 -0.32 -2.93 -1.26
C GLU B 84 -0.22 -2.81 -1.68
N VAL B 85 -1.34 -3.59 -1.82
N VAL B 85 -1.23 -3.48 -2.21
CA VAL B 85 -2.46 -2.93 -2.42
CA VAL B 85 -2.51 -2.88 -2.48
C VAL B 85 -3.67 -3.73 -1.99
C VAL B 85 -3.58 -3.76 -1.84
N VAL B 86 -4.54 -3.15 -1.16
CA VAL B 86 -5.65 -3.88 -0.58
C VAL B 86 -6.95 -3.27 -1.05
N PHE B 87 -7.84 -4.10 -1.58
CA PHE B 87 -9.07 -3.61 -2.21
C PHE B 87 -10.18 -4.67 -2.15
N THR B 88 -11.42 -4.21 -2.24
CA THR B 88 -12.54 -5.14 -2.41
C THR B 88 -12.82 -5.32 -3.89
N ALA B 89 -13.00 -6.57 -4.34
N ALA B 89 -12.91 -6.54 -4.40
CA ALA B 89 -13.10 -6.84 -5.76
CA ALA B 89 -13.38 -6.75 -5.77
C ALA B 89 -14.53 -7.05 -6.25
C ALA B 89 -14.90 -6.78 -5.76
N ASN B 90 -14.92 -8.32 -6.35
N ASN B 90 -15.53 -5.96 -6.59
CA ASN B 90 -16.08 -8.70 -7.16
CA ASN B 90 -17.00 -5.95 -6.64
C ASN B 90 -17.44 -8.69 -6.46
C ASN B 90 -17.56 -6.14 -8.04
N ASP B 91 -17.74 -7.65 -5.71
N ASP B 91 -18.43 -7.13 -8.19
CA ASP B 91 -19.15 -7.36 -5.46
CA ASP B 91 -19.07 -7.37 -9.48
C ASP B 91 -19.62 -6.73 -6.75
C ASP B 91 -20.49 -6.81 -9.45
N SER B 92 -20.93 -6.67 -6.95
N SER B 92 -20.80 -6.05 -8.41
CA SER B 92 -21.50 -6.31 -8.24
CA SER B 92 -21.92 -5.15 -8.45
C SER B 92 -21.05 -7.32 -9.31
C SER B 92 -21.25 -4.02 -9.16
N GLY B 93 -20.62 -8.50 -8.85
N GLY B 93 -20.91 -4.28 -10.42
CA GLY B 93 -20.16 -9.56 -9.74
CA GLY B 93 -20.06 -3.43 -11.22
C GLY B 93 -18.75 -9.36 -10.24
C GLY B 93 -19.16 -4.30 -12.09
N PRO B 94 -18.27 -10.27 -11.11
N PRO B 94 -18.03 -3.74 -12.56
CA PRO B 94 -16.96 -10.18 -11.74
CA PRO B 94 -17.11 -4.42 -13.48
C PRO B 94 -16.69 -8.84 -12.39
C PRO B 94 -16.08 -5.30 -12.77
N ARG B 95 -15.43 -8.45 -12.38
N ARG B 95 -15.43 -6.21 -13.50
CA ARG B 95 -14.96 -7.26 -13.08
CA ARG B 95 -14.58 -7.23 -12.88
C ARG B 95 -13.51 -7.54 -13.52
C ARG B 95 -13.28 -7.59 -13.63
N ARG B 96 -12.99 -6.72 -14.41
N ARG B 96 -12.79 -6.69 -14.47
CA ARG B 96 -11.60 -6.87 -14.85
CA ARG B 96 -11.44 -6.87 -15.03
C ARG B 96 -10.72 -5.84 -14.14
C ARG B 96 -10.48 -5.84 -14.43
N TYR B 97 -9.66 -6.31 -13.49
CA TYR B 97 -8.80 -5.44 -12.68
C TYR B 97 -7.35 -5.46 -13.13
N THR B 98 -6.79 -4.29 -13.37
CA THR B 98 -5.35 -4.17 -13.55
C THR B 98 -4.83 -3.34 -12.40
N ILE B 99 -3.92 -3.92 -11.63
CA ILE B 99 -3.24 -3.19 -10.55
C ILE B 99 -1.88 -2.77 -11.08
N ALA B 100 -1.67 -1.47 -11.24
CA ALA B 100 -0.40 -0.97 -11.71
C ALA B 100 0.37 -0.33 -10.56
N ALA B 101 1.68 -0.50 -10.59
CA ALA B 101 2.53 0.10 -9.58
C ALA B 101 3.75 0.71 -10.23
N LEU B 102 4.10 1.91 -9.80
CA LEU B 102 5.25 2.63 -10.28
C LEU B 102 6.22 2.76 -9.11
N LEU B 103 7.41 2.22 -9.25
CA LEU B 103 8.34 2.08 -8.15
C LEU B 103 9.55 3.01 -8.16
N SER B 104 9.79 3.64 -7.03
N SER B 104 9.80 3.64 -7.03
CA SER B 104 11.06 4.32 -6.74
CA SER B 104 11.06 4.32 -6.76
C SER B 104 11.58 3.79 -5.40
C SER B 104 11.55 3.90 -5.37
N PRO B 105 12.86 4.03 -5.10
CA PRO B 105 13.39 3.48 -3.85
C PRO B 105 12.67 3.96 -2.58
N TYR B 106 12.25 5.22 -2.54
N TYR B 106 12.24 5.22 -2.52
CA TYR B 106 11.61 5.77 -1.36
CA TYR B 106 11.58 5.73 -1.32
C TYR B 106 10.19 6.25 -1.64
C TYR B 106 10.12 6.08 -1.53
N SER B 107 9.56 5.68 -2.67
CA SER B 107 8.20 6.05 -3.03
C SER B 107 7.58 5.03 -3.96
N TYR B 108 6.28 4.82 -3.84
CA TYR B 108 5.60 4.12 -4.93
C TYR B 108 4.23 4.67 -5.10
N SER B 109 3.70 4.45 -6.31
N SER B 109 3.71 4.48 -6.31
CA SER B 109 2.37 4.87 -6.66
CA SER B 109 2.33 4.77 -6.54
C SER B 109 1.62 3.70 -7.26
C SER B 109 1.65 3.54 -7.07
N THR B 110 0.35 3.52 -6.89
CA THR B 110 -0.42 2.44 -7.44
C THR B 110 -1.75 2.95 -7.91
N THR B 111 -2.23 2.30 -8.94
N THR B 111 -2.21 2.44 -9.04
CA THR B 111 -3.45 2.69 -9.57
CA THR B 111 -3.55 2.78 -9.50
C THR B 111 -4.22 1.43 -9.91
C THR B 111 -4.21 1.55 -10.06
N ALA B 112 -5.53 1.54 -10.00
CA ALA B 112 -6.33 0.44 -10.50
C ALA B 112 -7.02 0.89 -11.75
N VAL B 113 -6.97 0.05 -12.77
CA VAL B 113 -7.72 0.26 -13.99
C VAL B 113 -8.74 -0.84 -14.03
N VAL B 114 -10.01 -0.47 -13.88
CA VAL B 114 -11.08 -1.44 -13.85
C VAL B 114 -11.91 -1.23 -15.11
N THR B 115 -11.81 -2.17 -16.05
CA THR B 115 -12.46 -2.00 -17.35
C THR B 115 -13.51 -3.07 -17.63
N ASN B 116 -14.29 -2.84 -18.69
CA ASN B 116 -15.47 -3.63 -19.08
C ASN B 116 -15.72 -4.96 -18.38
O16 CUR C . 4.12 20.26 2.22
C15 CUR C . 3.04 20.17 1.44
C17 CUR C . 1.96 21.17 1.60
C18 CUR C . 1.10 20.88 2.57
C19 CUR C . -0.07 21.69 2.99
C24 CUR C . -1.07 21.04 3.69
C23 CUR C . -2.18 21.74 4.14
C22 CUR C . -2.29 23.10 3.88
O4' CUR C . -3.39 23.76 4.33
C21 CUR C . -1.29 23.75 3.18
O26 CUR C . -1.39 25.09 2.94
C27 CUR C . -1.28 26.00 4.04
C20 CUR C . -0.16 23.05 2.74
C10 CUR C . 2.91 19.17 0.55
C9 CUR C . 3.94 18.12 0.34
O2 CUR C . 4.93 18.03 1.06
C8 CUR C . 3.75 17.16 -0.75
C7 CUR C . 4.42 16.03 -0.81
C1 CUR C . 4.16 15.13 -1.96
C2 CUR C . 3.52 13.91 -1.78
C3 CUR C . 3.28 13.08 -2.88
O3 CUR C . 2.65 11.88 -2.72
C3O CUR C . 3.25 10.84 -1.95
C4 CUR C . 3.66 13.49 -4.15
O4 CUR C . 3.42 12.68 -5.22
C5 CUR C . 4.30 14.72 -4.33
C6 CUR C . 4.55 15.53 -3.23
NA NA D . 21.72 -1.92 12.70
C1 EDO E . -2.14 9.41 -7.98
O1 EDO E . -1.43 8.46 -7.17
C2 EDO E . -2.53 10.63 -7.16
O2 EDO E . -3.24 10.20 -5.98
C4 FER F . 1.52 5.67 -11.76
C5 FER F . 1.14 4.34 -11.64
C6 FER F . 1.14 3.50 -12.75
C3 FER F . 1.93 6.17 -13.09
C2 FER F . 1.93 5.30 -14.16
C1 FER F . 1.53 3.99 -13.99
C10 FER F . 2.78 7.90 -14.54
C7 FER F . 1.56 3.14 -15.20
C8 FER F . 0.44 2.61 -15.68
C9 FER F . 0.50 1.78 -16.90
O1 FER F . 1.60 1.63 -17.46
O2 FER F . -0.55 1.26 -17.34
O4 FER F . 1.52 6.52 -10.69
O3 FER F . 2.33 7.47 -13.26
C4 FER G . 16.12 -7.31 -11.29
C4 FER G . 16.04 -9.46 -11.38
C5 FER G . 16.32 -6.86 -12.59
C5 FER G . 16.38 -10.18 -12.52
C6 FER G . 16.43 -7.79 -13.62
C6 FER G . 16.46 -9.53 -13.75
C3 FER G . 16.05 -8.76 -11.03
C3 FER G . 15.76 -8.01 -11.51
C2 FER G . 16.14 -9.65 -12.10
C2 FER G . 15.86 -7.40 -12.76
C1 FER G . 16.36 -9.16 -13.39
C1 FER G . 16.20 -8.16 -13.87
C10 FER G . 14.55 -9.67 -9.39
C10 FER G . 16.18 -6.09 -10.15
C7 FER G . 16.49 -10.12 -14.51
C7 FER G . 16.30 -7.54 -15.21
C8 FER G . 17.67 -10.41 -15.04
C8 FER G . 17.35 -6.81 -15.58
C9 FER G . 18.94 -9.83 -14.55
C9 FER G . 18.46 -6.51 -14.65
O1 FER G . 19.12 -8.59 -14.62
O1 FER G . 18.45 -5.42 -14.05
O2 FER G . 19.80 -10.60 -14.09
O2 FER G . 19.37 -7.35 -14.51
O4 FER G . 16.00 -6.43 -10.26
O4 FER G . 15.96 -10.07 -10.16
O3 FER G . 15.83 -9.20 -9.76
O3 FER G . 15.43 -7.28 -10.40
#